data_4OYK
#
_entry.id   4OYK
#
_cell.length_a   64.049
_cell.length_b   64.049
_cell.length_c   172.022
_cell.angle_alpha   90.00
_cell.angle_beta   90.00
_cell.angle_gamma   120.00
#
_symmetry.space_group_name_H-M   'P 61'
#
loop_
_entity.id
_entity.type
_entity.pdbx_description
1 polymer 'E3 ubiquitin-protein ligase RNF31'
2 polymer 'Ubiquitin thioesterase otulin'
3 non-polymer 'CHLORIDE ION'
4 water water
#
loop_
_entity_poly.entity_id
_entity_poly.type
_entity_poly.pdbx_seq_one_letter_code
_entity_poly.pdbx_strand_id
1 'polypeptide(L)'
;GPEEERAFLVAREELASALRRDSGQAFSLEQLRPLLASSLPLAARYLQLDAARLVRCNAHGEPRNYLNTLSTALNILEKY
GRNLLSPQRPRYWRGVKFNNPVFRSTVDAVQGGRDVLRLYGYTEEQPDGLSFPEGQEEPDEHQVATVTLEVLLLRTELSL
LLQNTHPRQQALEQLLE
;
A,B
2 'polypeptide(L)' AEHEEDMYRAADEIEKEKE C,D
#
loop_
_chem_comp.id
_chem_comp.type
_chem_comp.name
_chem_comp.formula
CL non-polymer 'CHLORIDE ION' 'Cl -1'
#
# COMPACT_ATOMS: atom_id res chain seq x y z
N GLU A 5 4.98 -17.36 18.92
CA GLU A 5 5.56 -16.41 17.99
C GLU A 5 4.55 -15.99 16.93
N ARG A 6 4.29 -14.69 16.84
CA ARG A 6 3.34 -14.15 15.87
C ARG A 6 3.82 -14.39 14.45
N ALA A 7 2.87 -14.60 13.54
CA ALA A 7 3.18 -14.72 12.13
C ALA A 7 3.68 -13.37 11.61
N PHE A 8 4.43 -13.39 10.52
CA PHE A 8 4.98 -12.17 9.94
C PHE A 8 3.90 -11.15 9.61
N LEU A 9 2.90 -11.59 8.85
CA LEU A 9 1.83 -10.69 8.41
C LEU A 9 0.89 -10.30 9.53
N VAL A 10 0.80 -11.15 10.56
CA VAL A 10 0.00 -10.83 11.73
C VAL A 10 0.63 -9.67 12.50
N ALA A 11 1.93 -9.78 12.77
CA ALA A 11 2.66 -8.74 13.47
C ALA A 11 2.69 -7.45 12.64
N ARG A 12 2.84 -7.59 11.33
CA ARG A 12 2.95 -6.45 10.44
C ARG A 12 1.68 -5.59 10.44
N GLU A 13 0.53 -6.24 10.32
CA GLU A 13 -0.76 -5.53 10.35
C GLU A 13 -0.95 -4.84 11.69
N GLU A 14 -0.54 -5.50 12.75
CA GLU A 14 -0.69 -4.99 14.10
C GLU A 14 0.15 -3.72 14.30
N LEU A 15 1.40 -3.77 13.90
CA LEU A 15 2.32 -2.63 14.05
C LEU A 15 1.90 -1.45 13.19
N ALA A 16 1.56 -1.73 11.93
CA ALA A 16 1.15 -0.68 11.00
C ALA A 16 -0.12 0.03 11.46
N SER A 17 -1.04 -0.73 12.04
CA SER A 17 -2.30 -0.16 12.54
C SER A 17 -2.08 0.69 13.78
N ALA A 18 -1.12 0.29 14.61
CA ALA A 18 -0.80 1.02 15.83
C ALA A 18 -0.15 2.36 15.51
N LEU A 19 0.71 2.36 14.49
CA LEU A 19 1.38 3.59 14.08
C LEU A 19 0.39 4.57 13.46
N ARG A 20 -0.59 4.03 12.75
CA ARG A 20 -1.65 4.85 12.15
C ARG A 20 -2.54 5.41 13.25
N ARG A 21 -2.67 4.66 14.34
CA ARG A 21 -3.49 5.07 15.48
C ARG A 21 -2.80 6.15 16.31
N ASP A 22 -1.49 5.99 16.48
CA ASP A 22 -0.69 6.96 17.24
C ASP A 22 0.64 7.22 16.53
N SER A 23 0.76 8.42 15.96
CA SER A 23 1.91 8.78 15.12
C SER A 23 3.23 8.92 15.87
N GLY A 24 3.14 9.10 17.19
CA GLY A 24 4.34 9.29 17.99
C GLY A 24 4.75 8.05 18.75
N GLN A 25 4.10 6.93 18.42
CA GLN A 25 4.32 5.68 19.15
C GLN A 25 5.72 5.11 18.94
N ALA A 26 6.34 4.68 20.03
CA ALA A 26 7.64 4.04 19.98
C ALA A 26 7.48 2.52 19.97
N PHE A 27 8.25 1.84 19.12
CA PHE A 27 8.18 0.40 19.03
C PHE A 27 9.41 -0.27 19.63
N SER A 28 9.19 -1.29 20.45
CA SER A 28 10.28 -2.04 21.07
C SER A 28 10.77 -3.12 20.12
N LEU A 29 11.94 -3.69 20.43
CA LEU A 29 12.50 -4.77 19.64
C LEU A 29 11.60 -6.01 19.73
N GLU A 30 10.96 -6.19 20.88
CA GLU A 30 10.08 -7.33 21.10
C GLU A 30 8.90 -7.29 20.13
N GLN A 31 8.36 -6.11 19.91
CA GLN A 31 7.25 -5.93 18.98
C GLN A 31 7.71 -6.13 17.53
N LEU A 32 8.87 -5.57 17.21
CA LEU A 32 9.39 -5.59 15.85
C LEU A 32 10.01 -6.93 15.45
N ARG A 33 10.37 -7.73 16.45
CA ARG A 33 11.14 -8.96 16.20
C ARG A 33 10.57 -9.94 15.15
N PRO A 34 9.25 -10.21 15.18
CA PRO A 34 8.72 -11.12 14.16
C PRO A 34 8.96 -10.63 12.72
N LEU A 35 9.09 -9.32 12.56
CA LEU A 35 9.32 -8.73 11.24
C LEU A 35 10.76 -8.88 10.77
N LEU A 36 11.70 -8.93 11.70
CA LEU A 36 13.13 -8.97 11.35
C LEU A 36 13.80 -10.30 11.63
N ALA A 37 13.14 -11.18 12.38
CA ALA A 37 13.70 -12.49 12.70
C ALA A 37 13.26 -13.54 11.68
N SER A 38 12.47 -13.11 10.70
CA SER A 38 11.96 -14.01 9.66
C SER A 38 13.09 -14.55 8.79
N SER A 39 12.93 -15.80 8.33
CA SER A 39 13.91 -16.43 7.46
C SER A 39 13.81 -15.90 6.03
N LEU A 40 12.72 -15.19 5.75
CA LEU A 40 12.51 -14.60 4.44
C LEU A 40 13.62 -13.64 4.05
N PRO A 41 13.99 -13.63 2.76
CA PRO A 41 15.04 -12.72 2.27
C PRO A 41 14.64 -11.26 2.45
N LEU A 42 15.63 -10.38 2.42
CA LEU A 42 15.40 -8.95 2.62
C LEU A 42 14.42 -8.38 1.61
N ALA A 43 14.52 -8.84 0.37
CA ALA A 43 13.69 -8.34 -0.72
C ALA A 43 12.23 -8.75 -0.58
N ALA A 44 11.97 -9.79 0.22
CA ALA A 44 10.62 -10.30 0.40
C ALA A 44 9.92 -9.72 1.63
N ARG A 45 10.70 -9.35 2.63
CA ARG A 45 10.13 -8.82 3.88
C ARG A 45 9.64 -7.39 3.75
N TYR A 46 10.22 -6.64 2.82
CA TYR A 46 9.82 -5.25 2.58
C TYR A 46 8.96 -5.13 1.33
N LEU A 47 7.76 -4.60 1.49
CA LEU A 47 6.78 -4.60 0.41
C LEU A 47 6.60 -3.22 -0.24
N GLN A 48 7.02 -2.17 0.47
CA GLN A 48 6.94 -0.82 -0.05
C GLN A 48 8.34 -0.22 -0.19
N LEU A 49 9.03 -0.15 0.94
CA LEU A 49 10.39 0.38 0.99
C LEU A 49 11.34 -0.53 0.21
N ASP A 50 12.14 0.05 -0.67
CA ASP A 50 13.11 -0.73 -1.43
C ASP A 50 14.39 -0.90 -0.62
N ALA A 51 14.30 -1.70 0.44
CA ALA A 51 15.41 -1.92 1.35
C ALA A 51 16.60 -2.58 0.65
N ALA A 52 16.31 -3.48 -0.28
CA ALA A 52 17.35 -4.19 -1.01
C ALA A 52 18.27 -3.23 -1.75
N ARG A 53 17.69 -2.30 -2.50
CA ARG A 53 18.47 -1.33 -3.26
C ARG A 53 19.18 -0.34 -2.34
N LEU A 54 18.54 0.03 -1.24
CA LEU A 54 19.13 0.95 -0.28
C LEU A 54 20.44 0.41 0.29
N VAL A 55 20.44 -0.87 0.63
CA VAL A 55 21.64 -1.51 1.17
C VAL A 55 22.69 -1.73 0.08
N ARG A 56 22.23 -2.14 -1.10
CA ARG A 56 23.14 -2.49 -2.19
C ARG A 56 23.76 -1.28 -2.89
N CYS A 57 22.95 -0.27 -3.15
CA CYS A 57 23.40 0.86 -3.96
C CYS A 57 24.09 1.95 -3.14
N ASN A 58 24.34 1.68 -1.87
CA ASN A 58 25.04 2.63 -1.01
C ASN A 58 26.23 2.00 -0.31
N ALA A 59 26.68 0.85 -0.83
CA ALA A 59 27.83 0.15 -0.26
C ALA A 59 29.13 0.85 -0.63
N HIS A 60 29.40 1.98 0.03
CA HIS A 60 30.63 2.71 -0.19
C HIS A 60 31.51 2.67 1.05
N GLY A 61 32.72 2.13 0.90
CA GLY A 61 33.62 1.96 2.02
C GLY A 61 33.23 0.75 2.86
N GLU A 62 33.61 0.78 4.14
CA GLU A 62 33.30 -0.30 5.05
C GLU A 62 31.89 -0.16 5.61
N PRO A 63 31.23 -1.29 5.93
CA PRO A 63 29.89 -1.31 6.50
C PRO A 63 29.73 -0.42 7.72
N ARG A 64 30.79 -0.29 8.52
CA ARG A 64 30.76 0.57 9.70
C ARG A 64 30.44 2.00 9.30
N ASN A 65 30.88 2.39 8.11
CA ASN A 65 30.63 3.72 7.59
C ASN A 65 29.26 3.88 6.93
N TYR A 66 28.99 3.11 5.87
CA TYR A 66 27.79 3.33 5.08
C TYR A 66 26.48 2.87 5.72
N LEU A 67 26.55 1.93 6.65
CA LEU A 67 25.35 1.55 7.40
C LEU A 67 24.93 2.69 8.31
N ASN A 68 25.90 3.42 8.83
CA ASN A 68 25.63 4.61 9.64
C ASN A 68 25.10 5.76 8.80
N THR A 69 25.61 5.88 7.58
CA THR A 69 25.11 6.87 6.64
C THR A 69 23.65 6.57 6.31
N LEU A 70 23.37 5.30 6.07
CA LEU A 70 22.01 4.86 5.76
C LEU A 70 21.09 5.04 6.97
N SER A 71 21.60 4.71 8.14
CA SER A 71 20.84 4.85 9.38
C SER A 71 20.47 6.31 9.63
N THR A 72 21.40 7.22 9.36
CA THR A 72 21.16 8.65 9.53
C THR A 72 20.03 9.12 8.62
N ALA A 73 20.03 8.64 7.37
CA ALA A 73 19.00 8.98 6.42
C ALA A 73 17.64 8.40 6.82
N LEU A 74 17.66 7.16 7.31
CA LEU A 74 16.43 6.48 7.73
C LEU A 74 15.82 7.15 8.96
N ASN A 75 16.65 7.69 9.84
CA ASN A 75 16.18 8.41 11.01
C ASN A 75 15.36 9.64 10.62
N ILE A 76 15.83 10.35 9.60
CA ILE A 76 15.15 11.54 9.13
C ILE A 76 13.91 11.18 8.30
N LEU A 77 14.03 10.15 7.48
CA LEU A 77 12.90 9.69 6.68
C LEU A 77 11.73 9.26 7.56
N GLU A 78 12.04 8.68 8.72
CA GLU A 78 11.02 8.29 9.68
C GLU A 78 10.29 9.51 10.20
N LYS A 79 11.05 10.58 10.45
CA LYS A 79 10.47 11.83 10.92
C LYS A 79 9.53 12.42 9.86
N TYR A 80 9.91 12.30 8.60
CA TYR A 80 9.07 12.77 7.50
C TYR A 80 7.73 12.04 7.48
N GLY A 81 7.77 10.74 7.76
CA GLY A 81 6.57 9.94 7.78
C GLY A 81 5.66 10.27 8.96
N ARG A 82 6.24 10.34 10.15
CA ARG A 82 5.48 10.65 11.35
C ARG A 82 4.86 12.04 11.28
N ASN A 83 5.54 12.96 10.60
CA ASN A 83 5.01 14.30 10.39
C ASN A 83 3.70 14.28 9.60
N LEU A 84 3.65 13.44 8.57
CA LEU A 84 2.46 13.31 7.75
C LEU A 84 1.31 12.65 8.51
N LEU A 85 1.65 11.84 9.52
CA LEU A 85 0.65 11.10 10.29
C LEU A 85 0.13 11.88 11.49
N SER A 86 0.92 12.86 11.95
CA SER A 86 0.60 13.63 13.15
C SER A 86 -0.75 14.35 13.04
N PRO A 87 -1.49 14.44 14.16
CA PRO A 87 -2.80 15.10 14.20
C PRO A 87 -2.71 16.56 13.77
N GLN A 88 -1.55 17.17 14.02
CA GLN A 88 -1.27 18.52 13.51
C GLN A 88 0.00 18.50 12.69
N ARG A 89 -0.16 18.42 11.36
CA ARG A 89 0.98 18.38 10.46
C ARG A 89 1.74 19.71 10.50
N PRO A 90 3.08 19.63 10.38
CA PRO A 90 3.91 20.84 10.41
C PRO A 90 3.66 21.70 9.17
N ARG A 91 4.01 22.97 9.27
CA ARG A 91 3.85 23.89 8.15
C ARG A 91 4.79 23.50 7.00
N TYR A 92 4.37 23.81 5.78
CA TYR A 92 5.13 23.51 4.56
C TYR A 92 5.27 22.01 4.28
N TRP A 93 4.38 21.20 4.85
CA TRP A 93 4.49 19.74 4.72
C TRP A 93 4.27 19.22 3.31
N ARG A 94 3.66 20.03 2.46
CA ARG A 94 3.27 19.57 1.12
C ARG A 94 4.43 19.45 0.14
N GLY A 95 5.61 19.93 0.53
CA GLY A 95 6.77 19.87 -0.34
C GLY A 95 8.09 19.83 0.38
N VAL A 96 9.07 19.13 -0.21
CA VAL A 96 10.41 19.07 0.33
C VAL A 96 11.43 19.58 -0.69
N LYS A 97 12.16 20.63 -0.31
CA LYS A 97 13.17 21.21 -1.17
C LYS A 97 14.47 20.42 -1.10
N PHE A 98 15.11 20.23 -2.26
CA PHE A 98 16.40 19.54 -2.31
C PHE A 98 17.46 20.28 -1.52
N ASN A 99 17.37 21.62 -1.53
CA ASN A 99 18.36 22.45 -0.85
C ASN A 99 18.06 22.67 0.63
N ASN A 100 17.08 21.95 1.15
CA ASN A 100 16.80 21.98 2.58
C ASN A 100 17.98 21.39 3.35
N PRO A 101 18.49 22.14 4.35
CA PRO A 101 19.67 21.76 5.12
C PRO A 101 19.60 20.35 5.72
N VAL A 102 18.44 19.99 6.28
CA VAL A 102 18.26 18.68 6.88
C VAL A 102 18.28 17.58 5.81
N PHE A 103 17.45 17.76 4.79
CA PHE A 103 17.35 16.79 3.69
C PHE A 103 18.68 16.61 2.95
N ARG A 104 19.34 17.72 2.67
CA ARG A 104 20.58 17.69 1.90
C ARG A 104 21.71 16.95 2.63
N SER A 105 21.76 17.12 3.95
CA SER A 105 22.86 16.58 4.74
C SER A 105 22.64 15.16 5.23
N THR A 106 21.40 14.70 5.17
CA THR A 106 21.06 13.37 5.70
C THR A 106 20.47 12.43 4.65
N VAL A 107 19.35 12.81 4.07
CA VAL A 107 18.63 11.95 3.15
C VAL A 107 19.26 11.91 1.76
N ASP A 108 19.66 13.07 1.25
CA ASP A 108 20.20 13.14 -0.10
C ASP A 108 21.62 12.58 -0.20
N ALA A 109 22.15 12.15 0.94
CA ALA A 109 23.48 11.53 0.96
C ALA A 109 23.42 10.07 0.54
N VAL A 110 22.21 9.51 0.48
CA VAL A 110 22.04 8.12 0.09
C VAL A 110 21.24 7.98 -1.21
N GLN A 111 21.64 7.00 -2.02
CA GLN A 111 20.94 6.72 -3.28
C GLN A 111 19.65 5.95 -2.99
N GLY A 112 18.53 6.53 -3.40
CA GLY A 112 17.23 5.94 -3.13
C GLY A 112 16.47 6.73 -2.09
N GLY A 113 17.13 7.72 -1.51
CA GLY A 113 16.53 8.55 -0.49
C GLY A 113 15.33 9.32 -0.96
N ARG A 114 15.39 9.84 -2.19
CA ARG A 114 14.29 10.58 -2.76
C ARG A 114 13.11 9.67 -3.09
N ASP A 115 13.42 8.41 -3.44
CA ASP A 115 12.38 7.43 -3.74
C ASP A 115 11.50 7.13 -2.54
N VAL A 116 12.07 7.25 -1.34
CA VAL A 116 11.31 7.05 -0.12
C VAL A 116 10.26 8.16 0.03
N LEU A 117 10.68 9.40 -0.25
CA LEU A 117 9.76 10.53 -0.21
C LEU A 117 8.62 10.36 -1.21
N ARG A 118 8.92 9.77 -2.36
CA ARG A 118 7.90 9.51 -3.36
C ARG A 118 6.87 8.51 -2.83
N LEU A 119 7.34 7.53 -2.06
CA LEU A 119 6.46 6.54 -1.44
C LEU A 119 5.51 7.19 -0.44
N TYR A 120 5.96 8.29 0.18
CA TYR A 120 5.15 9.03 1.14
C TYR A 120 4.06 9.84 0.43
N GLY A 121 4.29 10.18 -0.83
CA GLY A 121 3.34 10.94 -1.60
C GLY A 121 3.94 12.13 -2.33
N TYR A 122 5.23 12.40 -2.07
CA TYR A 122 5.93 13.47 -2.76
C TYR A 122 6.36 13.01 -4.15
N THR A 123 5.38 12.86 -5.04
CA THR A 123 5.61 12.23 -6.33
C THR A 123 5.95 13.21 -7.47
N GLU A 124 5.60 14.47 -7.29
CA GLU A 124 5.81 15.47 -8.33
C GLU A 124 7.21 16.10 -8.24
N GLU A 125 7.96 16.03 -9.33
CA GLU A 125 9.35 16.48 -9.31
C GLU A 125 9.59 17.78 -10.06
N GLN A 126 10.22 18.71 -9.37
CA GLN A 126 10.67 19.98 -9.95
C GLN A 126 12.17 20.04 -9.67
N PRO A 127 12.92 20.85 -10.45
CA PRO A 127 14.37 20.91 -10.24
C PRO A 127 14.80 21.37 -8.85
N ASP A 128 13.88 21.91 -8.06
CA ASP A 128 14.22 22.39 -6.73
C ASP A 128 13.71 21.51 -5.59
N GLY A 129 12.92 20.48 -5.92
CA GLY A 129 12.45 19.55 -4.91
C GLY A 129 11.27 18.68 -5.31
N LEU A 130 10.73 17.98 -4.33
CA LEU A 130 9.57 17.11 -4.54
C LEU A 130 8.37 17.63 -3.75
N SER A 131 7.17 17.34 -4.24
CA SER A 131 5.96 17.79 -3.58
C SER A 131 4.74 16.94 -3.93
N PHE A 132 3.71 17.00 -3.08
CA PHE A 132 2.46 16.32 -3.36
C PHE A 132 1.80 16.90 -4.61
N PRO A 133 1.04 16.08 -5.34
CA PRO A 133 0.31 16.57 -6.51
C PRO A 133 -0.67 17.67 -6.10
N GLU A 134 -0.85 18.67 -6.97
CA GLU A 134 -1.85 19.70 -6.73
C GLU A 134 -3.23 19.06 -6.88
N GLY A 135 -4.07 19.23 -5.87
CA GLY A 135 -5.40 18.66 -5.90
C GLY A 135 -5.55 17.49 -4.93
N GLN A 136 -4.43 16.93 -4.51
CA GLN A 136 -4.46 15.90 -3.47
C GLN A 136 -4.46 16.56 -2.09
N GLU A 137 -5.61 16.50 -1.42
CA GLU A 137 -5.79 17.23 -0.17
C GLU A 137 -5.00 16.63 0.98
N GLU A 138 -5.07 15.31 1.14
CA GLU A 138 -4.45 14.64 2.28
C GLU A 138 -3.53 13.49 1.87
N PRO A 139 -2.52 13.18 2.72
CA PRO A 139 -1.64 12.05 2.47
C PRO A 139 -2.39 10.72 2.62
N ASP A 140 -1.92 9.69 1.93
CA ASP A 140 -2.48 8.35 2.09
C ASP A 140 -2.01 7.79 3.42
N GLU A 141 -2.85 7.90 4.44
CA GLU A 141 -2.49 7.53 5.81
C GLU A 141 -2.06 6.07 5.96
N HIS A 142 -2.76 5.17 5.28
CA HIS A 142 -2.42 3.75 5.34
C HIS A 142 -1.06 3.50 4.69
N GLN A 143 -0.80 4.17 3.57
CA GLN A 143 0.47 4.03 2.86
C GLN A 143 1.62 4.63 3.65
N VAL A 144 1.43 5.83 4.17
CA VAL A 144 2.46 6.51 4.96
C VAL A 144 2.85 5.71 6.19
N ALA A 145 1.86 5.17 6.88
CA ALA A 145 2.10 4.38 8.09
C ALA A 145 2.89 3.11 7.77
N THR A 146 2.57 2.50 6.63
CA THR A 146 3.26 1.29 6.20
C THR A 146 4.72 1.59 5.86
N VAL A 147 4.95 2.65 5.10
CA VAL A 147 6.30 3.04 4.72
C VAL A 147 7.10 3.48 5.94
N THR A 148 6.47 4.24 6.82
CA THR A 148 7.13 4.70 8.04
C THR A 148 7.56 3.52 8.90
N LEU A 149 6.69 2.51 8.99
CA LEU A 149 7.01 1.29 9.73
C LEU A 149 8.22 0.57 9.16
N GLU A 150 8.25 0.44 7.83
CA GLU A 150 9.35 -0.24 7.17
C GLU A 150 10.67 0.53 7.29
N VAL A 151 10.58 1.86 7.31
CA VAL A 151 11.77 2.70 7.47
C VAL A 151 12.40 2.50 8.86
N LEU A 152 11.57 2.54 9.89
CA LEU A 152 12.08 2.37 11.25
C LEU A 152 12.51 0.93 11.51
N LEU A 153 11.87 -0.01 10.82
CA LEU A 153 12.27 -1.41 10.90
C LEU A 153 13.67 -1.62 10.32
N LEU A 154 13.91 -1.01 9.16
CA LEU A 154 15.19 -1.14 8.50
C LEU A 154 16.31 -0.50 9.33
N ARG A 155 16.02 0.65 9.91
CA ARG A 155 16.99 1.32 10.77
C ARG A 155 17.30 0.45 11.97
N THR A 156 16.28 -0.24 12.48
CA THR A 156 16.45 -1.16 13.60
C THR A 156 17.39 -2.30 13.23
N GLU A 157 17.18 -2.87 12.05
CA GLU A 157 18.00 -3.98 11.58
C GLU A 157 19.46 -3.56 11.41
N LEU A 158 19.68 -2.37 10.87
CA LEU A 158 21.03 -1.86 10.68
C LEU A 158 21.73 -1.62 12.01
N SER A 159 20.96 -1.22 13.02
CA SER A 159 21.50 -1.02 14.36
C SER A 159 21.97 -2.34 14.93
N LEU A 160 21.14 -3.37 14.79
CA LEU A 160 21.48 -4.71 15.27
C LEU A 160 22.70 -5.26 14.52
N LEU A 161 22.75 -5.03 13.21
CA LEU A 161 23.87 -5.46 12.40
C LEU A 161 25.17 -4.81 12.86
N LEU A 162 25.10 -3.53 13.20
CA LEU A 162 26.26 -2.80 13.70
C LEU A 162 26.67 -3.28 15.09
N GLN A 163 25.69 -3.76 15.86
CA GLN A 163 25.98 -4.27 17.20
CA GLN A 163 25.94 -4.28 17.21
C GLN A 163 26.33 -5.75 17.15
N ASN A 164 26.22 -6.36 15.97
CA ASN A 164 26.46 -7.79 15.79
C ASN A 164 25.50 -8.61 16.66
N THR A 165 24.26 -8.15 16.74
CA THR A 165 23.25 -8.79 17.58
C THR A 165 21.97 -9.12 16.81
N HIS A 166 22.00 -8.99 15.49
CA HIS A 166 20.85 -9.32 14.67
C HIS A 166 20.63 -10.82 14.70
N PRO A 167 19.37 -11.25 14.89
CA PRO A 167 19.03 -12.68 14.90
C PRO A 167 19.42 -13.39 13.61
N ARG A 168 19.37 -12.67 12.50
CA ARG A 168 19.80 -13.21 11.21
C ARG A 168 21.06 -12.50 10.73
N GLN A 169 21.99 -12.26 11.66
CA GLN A 169 23.23 -11.55 11.38
C GLN A 169 24.04 -12.24 10.28
N GLN A 170 24.21 -13.55 10.41
CA GLN A 170 25.03 -14.32 9.50
C GLN A 170 24.54 -14.23 8.05
N ALA A 171 23.22 -14.29 7.88
CA ALA A 171 22.63 -14.22 6.55
C ALA A 171 22.68 -12.81 5.96
N LEU A 172 22.37 -11.82 6.79
CA LEU A 172 22.30 -10.43 6.32
C LEU A 172 23.67 -9.83 5.99
N GLU A 173 24.71 -10.33 6.64
CA GLU A 173 26.07 -9.84 6.37
C GLU A 173 26.50 -10.14 4.94
N GLN A 174 25.87 -11.15 4.34
CA GLN A 174 26.16 -11.52 2.96
C GLN A 174 25.64 -10.47 1.97
N LEU A 175 24.75 -9.61 2.45
CA LEU A 175 24.22 -8.52 1.64
C LEU A 175 25.13 -7.29 1.72
N LEU A 176 26.15 -7.36 2.58
CA LEU A 176 27.05 -6.23 2.77
C LEU A 176 28.25 -6.27 1.84
N GLU A 177 28.32 -5.30 0.94
CA GLU A 177 29.43 -5.20 0.00
C GLU A 177 30.34 -4.01 0.34
N GLU B 4 3.87 -22.22 3.32
CA GLU B 4 2.54 -21.67 3.16
C GLU B 4 2.53 -20.15 3.33
N GLU B 5 3.12 -19.70 4.44
CA GLU B 5 3.22 -18.27 4.72
C GLU B 5 4.25 -17.61 3.81
N ARG B 6 5.36 -18.31 3.58
CA ARG B 6 6.39 -17.85 2.67
C ARG B 6 5.88 -17.86 1.23
N ALA B 7 5.17 -18.93 0.89
CA ALA B 7 4.60 -19.08 -0.45
C ALA B 7 3.55 -18.02 -0.72
N PHE B 8 2.93 -17.52 0.34
CA PHE B 8 1.92 -16.48 0.23
C PHE B 8 2.52 -15.18 -0.30
N LEU B 9 3.68 -14.81 0.22
CA LEU B 9 4.33 -13.55 -0.15
C LEU B 9 4.87 -13.55 -1.57
N VAL B 10 5.52 -14.65 -1.97
CA VAL B 10 6.09 -14.73 -3.30
C VAL B 10 5.01 -14.76 -4.39
N ALA B 11 3.93 -15.47 -4.11
CA ALA B 11 2.81 -15.55 -5.04
C ALA B 11 2.14 -14.18 -5.14
N ARG B 12 2.10 -13.47 -4.02
CA ARG B 12 1.52 -12.14 -3.97
C ARG B 12 2.27 -11.20 -4.90
N GLU B 13 3.59 -11.30 -4.90
CA GLU B 13 4.42 -10.50 -5.77
C GLU B 13 4.33 -10.94 -7.23
N GLU B 14 4.35 -12.26 -7.44
CA GLU B 14 4.30 -12.83 -8.79
C GLU B 14 3.03 -12.44 -9.55
N LEU B 15 1.88 -12.67 -8.92
CA LEU B 15 0.60 -12.41 -9.57
C LEU B 15 0.36 -10.92 -9.77
N ALA B 16 0.83 -10.12 -8.83
CA ALA B 16 0.74 -8.67 -8.96
C ALA B 16 1.60 -8.17 -10.11
N SER B 17 2.79 -8.75 -10.25
CA SER B 17 3.70 -8.40 -11.33
CA SER B 17 3.70 -8.40 -11.33
C SER B 17 3.12 -8.80 -12.68
N ALA B 18 2.50 -9.97 -12.73
CA ALA B 18 1.88 -10.46 -13.97
C ALA B 18 0.71 -9.57 -14.35
N LEU B 19 0.03 -9.04 -13.34
CA LEU B 19 -1.12 -8.18 -13.55
C LEU B 19 -0.68 -6.83 -14.13
N ARG B 20 0.47 -6.36 -13.66
CA ARG B 20 1.07 -5.13 -14.18
C ARG B 20 1.55 -5.34 -15.61
N ARG B 21 2.04 -6.54 -15.89
CA ARG B 21 2.56 -6.89 -17.20
C ARG B 21 1.43 -7.00 -18.22
N ASP B 22 0.31 -7.56 -17.77
CA ASP B 22 -0.88 -7.70 -18.60
C ASP B 22 -2.13 -7.47 -17.76
N SER B 23 -2.86 -6.40 -18.08
CA SER B 23 -4.02 -6.02 -17.29
C SER B 23 -5.19 -6.99 -17.45
N GLY B 24 -5.14 -7.81 -18.50
CA GLY B 24 -6.18 -8.78 -18.75
C GLY B 24 -5.78 -10.18 -18.31
N GLN B 25 -4.70 -10.25 -17.55
CA GLN B 25 -4.18 -11.53 -17.06
C GLN B 25 -5.20 -12.25 -16.18
N ALA B 26 -5.77 -13.33 -16.71
CA ALA B 26 -6.69 -14.16 -15.94
C ALA B 26 -5.90 -15.10 -15.04
N PHE B 27 -6.47 -15.45 -13.89
CA PHE B 27 -5.81 -16.35 -12.96
C PHE B 27 -6.67 -17.58 -12.65
N SER B 28 -6.09 -18.75 -12.87
CA SER B 28 -6.78 -20.01 -12.58
C SER B 28 -6.77 -20.27 -11.09
N LEU B 29 -7.61 -21.21 -10.65
CA LEU B 29 -7.72 -21.55 -9.24
C LEU B 29 -6.43 -22.15 -8.71
N GLU B 30 -5.65 -22.74 -9.60
CA GLU B 30 -4.37 -23.35 -9.23
CA GLU B 30 -4.38 -23.35 -9.22
C GLU B 30 -3.31 -22.29 -8.97
N GLN B 31 -3.37 -21.20 -9.74
CA GLN B 31 -2.44 -20.09 -9.56
C GLN B 31 -2.70 -19.37 -8.25
N LEU B 32 -3.97 -19.33 -7.84
CA LEU B 32 -4.37 -18.64 -6.63
C LEU B 32 -4.22 -19.52 -5.39
N ARG B 33 -3.86 -20.79 -5.60
CA ARG B 33 -3.73 -21.76 -4.51
C ARG B 33 -2.89 -21.31 -3.31
N PRO B 34 -1.67 -20.79 -3.55
CA PRO B 34 -0.87 -20.39 -2.39
C PRO B 34 -1.44 -19.18 -1.64
N LEU B 35 -2.31 -18.42 -2.29
CA LEU B 35 -2.95 -17.28 -1.63
C LEU B 35 -4.17 -17.71 -0.81
N LEU B 36 -4.69 -18.89 -1.14
CA LEU B 36 -5.87 -19.42 -0.46
C LEU B 36 -5.49 -20.43 0.62
N ALA B 37 -4.26 -20.93 0.55
CA ALA B 37 -3.82 -22.03 1.41
C ALA B 37 -3.55 -21.61 2.86
N SER B 38 -3.05 -20.39 3.05
CA SER B 38 -2.64 -19.93 4.37
C SER B 38 -3.81 -19.89 5.36
N SER B 39 -3.49 -20.04 6.64
CA SER B 39 -4.50 -19.99 7.69
C SER B 39 -4.47 -18.65 8.42
N LEU B 40 -3.92 -17.64 7.76
CA LEU B 40 -3.84 -16.30 8.32
C LEU B 40 -5.22 -15.68 8.46
N PRO B 41 -5.42 -14.89 9.52
CA PRO B 41 -6.69 -14.17 9.74
C PRO B 41 -7.01 -13.23 8.58
N LEU B 42 -8.26 -12.77 8.52
CA LEU B 42 -8.72 -11.94 7.42
C LEU B 42 -7.96 -10.62 7.32
N ALA B 43 -7.70 -9.99 8.46
CA ALA B 43 -7.01 -8.70 8.49
C ALA B 43 -5.53 -8.82 8.13
N ALA B 44 -4.96 -10.00 8.32
CA ALA B 44 -3.55 -10.23 8.05
C ALA B 44 -3.33 -10.66 6.61
N ARG B 45 -4.32 -11.34 6.04
CA ARG B 45 -4.23 -11.89 4.70
C ARG B 45 -4.39 -10.79 3.64
N TYR B 46 -5.15 -9.75 3.98
CA TYR B 46 -5.36 -8.63 3.09
C TYR B 46 -4.70 -7.36 3.64
N LEU B 47 -3.75 -6.82 2.87
CA LEU B 47 -2.92 -5.72 3.36
C LEU B 47 -3.47 -4.35 2.98
N GLN B 48 -4.20 -4.29 1.87
CA GLN B 48 -4.77 -3.05 1.38
C GLN B 48 -6.28 -3.05 1.55
N LEU B 49 -6.91 -4.05 0.95
CA LEU B 49 -8.36 -4.19 0.96
C LEU B 49 -8.90 -4.39 2.37
N ASP B 50 -9.92 -3.62 2.72
CA ASP B 50 -10.58 -3.76 4.01
C ASP B 50 -11.57 -4.92 3.96
N ALA B 51 -11.04 -6.12 3.80
CA ALA B 51 -11.85 -7.33 3.63
C ALA B 51 -12.76 -7.60 4.83
N ALA B 52 -12.28 -7.24 6.01
CA ALA B 52 -13.06 -7.43 7.24
C ALA B 52 -14.36 -6.66 7.19
N ARG B 53 -14.28 -5.39 6.80
CA ARG B 53 -15.47 -4.54 6.74
C ARG B 53 -16.42 -4.98 5.63
N LEU B 54 -15.87 -5.32 4.48
CA LEU B 54 -16.68 -5.72 3.32
C LEU B 54 -17.55 -6.93 3.64
N VAL B 55 -16.98 -7.91 4.31
CA VAL B 55 -17.70 -9.14 4.66
C VAL B 55 -18.60 -8.96 5.89
N ARG B 56 -18.03 -8.41 6.95
CA ARG B 56 -18.74 -8.32 8.23
C ARG B 56 -19.86 -7.27 8.28
N CYS B 57 -19.65 -6.15 7.61
CA CYS B 57 -20.60 -5.04 7.70
C CYS B 57 -21.67 -5.09 6.61
N ASN B 58 -21.76 -6.22 5.93
CA ASN B 58 -22.75 -6.40 4.87
C ASN B 58 -23.53 -7.70 5.03
N ALA B 59 -23.59 -8.20 6.26
CA ALA B 59 -24.30 -9.46 6.54
C ALA B 59 -25.79 -9.21 6.74
N HIS B 60 -26.50 -8.96 5.65
CA HIS B 60 -27.93 -8.67 5.71
C HIS B 60 -28.73 -9.79 5.07
N GLY B 61 -29.54 -10.46 5.87
CA GLY B 61 -30.35 -11.57 5.40
C GLY B 61 -29.56 -12.87 5.40
N GLU B 62 -29.90 -13.77 4.48
CA GLU B 62 -29.24 -15.06 4.39
C GLU B 62 -27.84 -14.92 3.77
N PRO B 63 -26.90 -15.76 4.24
CA PRO B 63 -25.51 -15.76 3.76
C PRO B 63 -25.39 -15.82 2.25
N ARG B 64 -26.10 -16.74 1.61
CA ARG B 64 -26.04 -16.89 0.17
C ARG B 64 -26.47 -15.62 -0.56
N ASN B 65 -27.39 -14.88 0.04
CA ASN B 65 -27.88 -13.63 -0.55
C ASN B 65 -26.84 -12.51 -0.52
N TYR B 66 -26.29 -12.22 0.66
CA TYR B 66 -25.35 -11.10 0.76
C TYR B 66 -23.95 -11.44 0.25
N LEU B 67 -23.60 -12.73 0.22
CA LEU B 67 -22.35 -13.14 -0.39
C LEU B 67 -22.42 -12.98 -1.91
N ASN B 68 -23.61 -13.19 -2.47
CA ASN B 68 -23.83 -12.92 -3.89
C ASN B 68 -23.76 -11.44 -4.18
N THR B 69 -24.31 -10.64 -3.28
CA THR B 69 -24.31 -9.18 -3.43
C THR B 69 -22.87 -8.64 -3.36
N LEU B 70 -22.09 -9.17 -2.42
CA LEU B 70 -20.71 -8.75 -2.27
C LEU B 70 -19.87 -9.21 -3.46
N SER B 71 -20.17 -10.40 -3.97
CA SER B 71 -19.45 -10.94 -5.12
CA SER B 71 -19.45 -10.94 -5.12
C SER B 71 -19.65 -10.06 -6.36
N THR B 72 -20.88 -9.62 -6.57
CA THR B 72 -21.22 -8.75 -7.69
C THR B 72 -20.47 -7.42 -7.58
N ALA B 73 -20.38 -6.91 -6.36
CA ALA B 73 -19.68 -5.65 -6.10
C ALA B 73 -18.18 -5.79 -6.39
N LEU B 74 -17.61 -6.91 -5.96
CA LEU B 74 -16.19 -7.17 -6.16
C LEU B 74 -15.85 -7.40 -7.63
N ASN B 75 -16.79 -7.99 -8.37
CA ASN B 75 -16.58 -8.23 -9.79
CA ASN B 75 -16.58 -8.23 -9.79
C ASN B 75 -16.39 -6.92 -10.56
N ILE B 76 -17.23 -5.94 -10.24
CA ILE B 76 -17.16 -4.63 -10.87
C ILE B 76 -15.92 -3.88 -10.39
N LEU B 77 -15.60 -4.02 -9.11
CA LEU B 77 -14.42 -3.37 -8.55
C LEU B 77 -13.14 -3.87 -9.20
N GLU B 78 -13.11 -5.16 -9.52
CA GLU B 78 -11.97 -5.72 -10.23
C GLU B 78 -11.83 -5.07 -11.61
N LYS B 79 -12.97 -4.82 -12.26
CA LYS B 79 -12.99 -4.19 -13.57
C LYS B 79 -12.47 -2.75 -13.49
N TYR B 80 -12.86 -2.02 -12.46
CA TYR B 80 -12.32 -0.68 -12.21
C TYR B 80 -10.80 -0.71 -12.09
N GLY B 81 -10.30 -1.74 -11.41
CA GLY B 81 -8.86 -1.90 -11.24
C GLY B 81 -8.13 -2.20 -12.53
N ARG B 82 -8.63 -3.18 -13.27
CA ARG B 82 -8.01 -3.59 -14.53
C ARG B 82 -8.05 -2.47 -15.57
N ASN B 83 -9.08 -1.64 -15.53
CA ASN B 83 -9.17 -0.48 -16.41
C ASN B 83 -8.04 0.51 -16.18
N LEU B 84 -7.62 0.63 -14.92
CA LEU B 84 -6.53 1.54 -14.56
C LEU B 84 -5.17 0.96 -14.90
N LEU B 85 -5.08 -0.36 -14.98
CA LEU B 85 -3.83 -1.03 -15.32
C LEU B 85 -3.62 -1.10 -16.82
N SER B 86 -4.72 -1.01 -17.57
CA SER B 86 -4.67 -1.08 -19.03
C SER B 86 -3.77 -0.01 -19.63
N PRO B 87 -2.98 -0.39 -20.65
CA PRO B 87 -2.10 0.55 -21.35
C PRO B 87 -2.91 1.66 -21.99
N GLN B 88 -4.11 1.33 -22.46
CA GLN B 88 -5.04 2.32 -22.97
C GLN B 88 -6.26 2.39 -22.05
N ARG B 89 -6.21 3.29 -21.08
CA ARG B 89 -7.29 3.47 -20.11
C ARG B 89 -8.55 3.98 -20.79
N PRO B 90 -9.71 3.56 -20.30
CA PRO B 90 -10.99 4.02 -20.88
C PRO B 90 -11.17 5.52 -20.71
N ARG B 91 -12.01 6.12 -21.55
CA ARG B 91 -12.30 7.54 -21.43
C ARG B 91 -13.03 7.80 -20.12
N TYR B 92 -12.81 8.97 -19.54
CA TYR B 92 -13.42 9.39 -18.28
C TYR B 92 -12.96 8.57 -17.07
N TRP B 93 -11.77 7.98 -17.16
CA TRP B 93 -11.26 7.14 -16.09
C TRP B 93 -10.94 7.91 -14.81
N ARG B 94 -10.73 9.22 -14.93
CA ARG B 94 -10.26 10.03 -13.81
C ARG B 94 -11.28 10.23 -12.70
N GLY B 95 -12.53 9.86 -12.96
CA GLY B 95 -13.58 10.06 -11.97
C GLY B 95 -14.73 9.08 -12.05
N VAL B 96 -15.33 8.80 -10.90
CA VAL B 96 -16.49 7.93 -10.81
C VAL B 96 -17.64 8.65 -10.12
N LYS B 97 -18.72 8.90 -10.85
CA LYS B 97 -19.89 9.56 -10.28
C LYS B 97 -20.72 8.60 -9.45
N PHE B 98 -21.23 9.08 -8.31
CA PHE B 98 -21.99 8.24 -7.40
C PHE B 98 -23.27 7.68 -8.02
N ASN B 99 -23.90 8.44 -8.90
CA ASN B 99 -25.13 7.98 -9.54
C ASN B 99 -24.92 7.32 -10.89
N ASN B 100 -23.69 6.93 -11.18
CA ASN B 100 -23.40 6.12 -12.35
C ASN B 100 -24.11 4.78 -12.22
N PRO B 101 -24.90 4.40 -13.25
CA PRO B 101 -25.75 3.20 -13.25
C PRO B 101 -25.02 1.93 -12.84
N VAL B 102 -23.77 1.77 -13.26
CA VAL B 102 -23.01 0.57 -12.93
C VAL B 102 -22.58 0.58 -11.46
N PHE B 103 -21.97 1.69 -11.03
CA PHE B 103 -21.50 1.85 -9.66
C PHE B 103 -22.64 1.85 -8.66
N ARG B 104 -23.69 2.58 -9.00
CA ARG B 104 -24.88 2.69 -8.15
C ARG B 104 -25.49 1.33 -7.81
N SER B 105 -25.62 0.48 -8.82
CA SER B 105 -26.36 -0.78 -8.71
C SER B 105 -25.52 -1.97 -8.24
N THR B 106 -24.21 -1.82 -8.25
CA THR B 106 -23.33 -2.94 -7.94
C THR B 106 -22.41 -2.64 -6.76
N VAL B 107 -21.57 -1.62 -6.92
CA VAL B 107 -20.56 -1.31 -5.91
C VAL B 107 -21.15 -0.61 -4.69
N ASP B 108 -22.01 0.37 -4.93
CA ASP B 108 -22.56 1.18 -3.85
C ASP B 108 -23.66 0.45 -3.07
N ALA B 109 -23.81 -0.84 -3.35
CA ALA B 109 -24.79 -1.66 -2.64
C ALA B 109 -24.18 -2.28 -1.38
N VAL B 110 -22.88 -2.12 -1.22
CA VAL B 110 -22.19 -2.68 -0.06
C VAL B 110 -21.39 -1.62 0.70
N GLN B 111 -21.38 -1.74 2.03
CA GLN B 111 -20.59 -0.86 2.88
C GLN B 111 -19.10 -1.12 2.67
N GLY B 112 -18.36 -0.08 2.28
CA GLY B 112 -16.94 -0.21 2.02
C GLY B 112 -16.61 -0.19 0.53
N GLY B 113 -17.64 -0.12 -0.30
CA GLY B 113 -17.46 -0.09 -1.74
C GLY B 113 -16.67 1.12 -2.19
N ARG B 114 -17.05 2.29 -1.68
CA ARG B 114 -16.38 3.53 -2.05
C ARG B 114 -14.93 3.55 -1.59
N ASP B 115 -14.65 2.92 -0.45
CA ASP B 115 -13.29 2.86 0.08
C ASP B 115 -12.34 2.11 -0.85
N VAL B 116 -12.88 1.14 -1.58
CA VAL B 116 -12.07 0.39 -2.53
C VAL B 116 -11.61 1.28 -3.67
N LEU B 117 -12.50 2.14 -4.16
CA LEU B 117 -12.16 3.09 -5.21
C LEU B 117 -11.11 4.07 -4.71
N ARG B 118 -11.19 4.43 -3.43
CA ARG B 118 -10.21 5.31 -2.81
C ARG B 118 -8.82 4.67 -2.81
N LEU B 119 -8.78 3.36 -2.60
CA LEU B 119 -7.53 2.62 -2.64
C LEU B 119 -6.91 2.67 -4.03
N TYR B 120 -7.76 2.66 -5.05
CA TYR B 120 -7.31 2.71 -6.45
C TYR B 120 -6.68 4.04 -6.80
N GLY B 121 -7.11 5.11 -6.11
CA GLY B 121 -6.58 6.44 -6.37
C GLY B 121 -7.65 7.50 -6.52
N TYR B 122 -8.91 7.10 -6.41
CA TYR B 122 -10.03 8.04 -6.43
C TYR B 122 -10.21 8.64 -5.04
N THR B 123 -9.24 9.45 -4.62
CA THR B 123 -9.17 9.90 -3.24
C THR B 123 -9.86 11.23 -2.97
N GLU B 124 -10.06 12.02 -4.01
CA GLU B 124 -10.66 13.35 -3.84
C GLU B 124 -12.18 13.28 -3.93
N GLU B 125 -12.84 13.63 -2.82
CA GLU B 125 -14.29 13.45 -2.73
C GLU B 125 -15.09 14.73 -3.01
N GLN B 126 -16.11 14.58 -3.84
CA GLN B 126 -17.08 15.64 -4.12
C GLN B 126 -18.45 15.08 -3.75
N PRO B 127 -19.45 15.96 -3.59
CA PRO B 127 -20.79 15.44 -3.27
C PRO B 127 -21.39 14.55 -4.37
N ASP B 128 -20.82 14.60 -5.57
CA ASP B 128 -21.35 13.81 -6.69
C ASP B 128 -20.46 12.63 -7.09
N GLY B 129 -19.30 12.48 -6.45
CA GLY B 129 -18.44 11.35 -6.74
C GLY B 129 -17.01 11.46 -6.26
N LEU B 130 -16.19 10.49 -6.68
CA LEU B 130 -14.77 10.45 -6.31
C LEU B 130 -13.91 10.60 -7.55
N SER B 131 -12.76 11.27 -7.41
CA SER B 131 -11.88 11.47 -8.55
C SER B 131 -10.40 11.49 -8.15
N PHE B 132 -9.53 11.30 -9.15
CA PHE B 132 -8.10 11.43 -8.94
C PHE B 132 -7.74 12.89 -8.70
N PRO B 133 -6.63 13.15 -7.98
CA PRO B 133 -6.14 14.51 -7.83
C PRO B 133 -5.83 15.11 -9.20
N GLU B 134 -6.10 16.40 -9.38
CA GLU B 134 -5.93 17.06 -10.67
C GLU B 134 -4.47 17.06 -11.12
N GLY B 135 -3.55 17.08 -10.15
CA GLY B 135 -2.13 17.13 -10.46
C GLY B 135 -1.50 15.76 -10.68
N GLN B 136 -2.32 14.72 -10.67
CA GLN B 136 -1.83 13.36 -10.91
C GLN B 136 -2.15 12.91 -12.34
N GLU B 137 -1.10 12.71 -13.13
CA GLU B 137 -1.25 12.39 -14.55
C GLU B 137 -1.76 10.97 -14.81
N GLU B 138 -1.21 10.00 -14.09
CA GLU B 138 -1.56 8.60 -14.32
C GLU B 138 -1.67 7.83 -13.00
N PRO B 139 -2.41 6.71 -13.01
CA PRO B 139 -2.57 5.87 -11.81
C PRO B 139 -1.24 5.32 -11.29
N ASP B 140 -1.26 4.84 -10.05
CA ASP B 140 -0.11 4.18 -9.45
C ASP B 140 -0.19 2.69 -9.76
N GLU B 141 0.57 2.26 -10.76
CA GLU B 141 0.51 0.89 -11.27
C GLU B 141 0.73 -0.15 -10.18
N HIS B 142 1.71 0.07 -9.32
CA HIS B 142 2.03 -0.86 -8.24
C HIS B 142 0.91 -0.95 -7.21
N GLN B 143 0.33 0.20 -6.86
CA GLN B 143 -0.77 0.24 -5.91
C GLN B 143 -2.03 -0.41 -6.48
N VAL B 144 -2.36 -0.06 -7.71
CA VAL B 144 -3.57 -0.56 -8.36
C VAL B 144 -3.54 -2.08 -8.55
N ALA B 145 -2.39 -2.59 -8.98
CA ALA B 145 -2.24 -4.02 -9.21
C ALA B 145 -2.42 -4.83 -7.93
N THR B 146 -1.90 -4.31 -6.84
CA THR B 146 -1.99 -4.98 -5.54
C THR B 146 -3.43 -5.05 -5.06
N VAL B 147 -4.14 -3.93 -5.19
CA VAL B 147 -5.54 -3.86 -4.76
C VAL B 147 -6.41 -4.73 -5.66
N THR B 148 -6.17 -4.67 -6.97
CA THR B 148 -6.91 -5.47 -7.93
C THR B 148 -6.77 -6.96 -7.62
N LEU B 149 -5.57 -7.37 -7.26
CA LEU B 149 -5.31 -8.77 -6.90
C LEU B 149 -6.07 -9.17 -5.64
N GLU B 150 -6.13 -8.27 -4.67
CA GLU B 150 -6.83 -8.57 -3.42
C GLU B 150 -8.35 -8.59 -3.61
N VAL B 151 -8.84 -7.76 -4.53
CA VAL B 151 -10.26 -7.74 -4.86
C VAL B 151 -10.68 -9.06 -5.50
N LEU B 152 -9.93 -9.50 -6.51
CA LEU B 152 -10.26 -10.74 -7.20
C LEU B 152 -10.03 -11.96 -6.29
N LEU B 153 -9.08 -11.84 -5.37
CA LEU B 153 -8.81 -12.90 -4.41
C LEU B 153 -9.95 -13.07 -3.43
N LEU B 154 -10.49 -11.95 -2.95
CA LEU B 154 -11.61 -11.99 -2.02
C LEU B 154 -12.85 -12.56 -2.70
N ARG B 155 -13.09 -12.14 -3.94
CA ARG B 155 -14.22 -12.64 -4.71
C ARG B 155 -14.07 -14.14 -4.92
N THR B 156 -12.84 -14.59 -5.12
CA THR B 156 -12.57 -16.02 -5.29
C THR B 156 -12.92 -16.80 -4.03
N GLU B 157 -12.55 -16.25 -2.88
CA GLU B 157 -12.85 -16.89 -1.59
C GLU B 157 -14.36 -17.04 -1.39
N LEU B 158 -15.10 -16.00 -1.77
CA LEU B 158 -16.55 -16.01 -1.63
C LEU B 158 -17.19 -17.03 -2.57
N SER B 159 -16.63 -17.15 -3.77
CA SER B 159 -17.11 -18.12 -4.75
C SER B 159 -16.92 -19.54 -4.23
N LEU B 160 -15.73 -19.82 -3.70
CA LEU B 160 -15.43 -21.13 -3.12
C LEU B 160 -16.34 -21.42 -1.93
N LEU B 161 -16.60 -20.39 -1.14
CA LEU B 161 -17.47 -20.50 0.03
C LEU B 161 -18.89 -20.88 -0.38
N LEU B 162 -19.37 -20.24 -1.44
CA LEU B 162 -20.70 -20.52 -1.97
C LEU B 162 -20.81 -21.93 -2.55
N GLN B 163 -19.69 -22.45 -3.04
CA GLN B 163 -19.66 -23.78 -3.66
C GLN B 163 -19.29 -24.86 -2.65
N ASN B 164 -19.07 -24.44 -1.40
CA ASN B 164 -18.65 -25.35 -0.34
C ASN B 164 -17.35 -26.08 -0.69
N THR B 165 -16.45 -25.36 -1.37
CA THR B 165 -15.19 -25.95 -1.82
C THR B 165 -13.97 -25.14 -1.37
N HIS B 166 -14.16 -24.29 -0.36
CA HIS B 166 -13.06 -23.52 0.19
C HIS B 166 -12.21 -24.41 1.10
N PRO B 167 -10.88 -24.32 0.97
CA PRO B 167 -9.96 -25.15 1.76
C PRO B 167 -10.10 -24.92 3.27
N ARG B 168 -10.54 -23.74 3.67
CA ARG B 168 -10.85 -23.46 5.07
C ARG B 168 -12.33 -23.12 5.22
N GLN B 169 -13.18 -23.99 4.69
CA GLN B 169 -14.63 -23.76 4.67
C GLN B 169 -15.21 -23.53 6.06
N GLN B 170 -14.92 -24.44 6.98
CA GLN B 170 -15.48 -24.38 8.33
C GLN B 170 -15.02 -23.14 9.08
N ALA B 171 -13.77 -22.72 8.84
CA ALA B 171 -13.21 -21.55 9.51
C ALA B 171 -13.87 -20.26 9.03
N LEU B 172 -14.10 -20.16 7.72
CA LEU B 172 -14.69 -18.97 7.14
C LEU B 172 -16.17 -18.81 7.48
N GLU B 173 -16.87 -19.93 7.61
CA GLU B 173 -18.30 -19.91 7.90
C GLU B 173 -18.60 -19.38 9.30
N GLN B 174 -17.73 -19.70 10.24
CA GLN B 174 -17.94 -19.28 11.64
C GLN B 174 -17.70 -17.79 11.81
N LEU B 175 -16.88 -17.22 10.94
CA LEU B 175 -16.60 -15.78 10.97
C LEU B 175 -17.82 -14.98 10.52
N LEU B 176 -18.63 -15.58 9.65
CA LEU B 176 -19.84 -14.94 9.14
C LEU B 176 -20.98 -15.09 10.14
N GLU C 5 14.12 21.86 13.67
CA GLU C 5 14.34 22.78 12.56
C GLU C 5 13.46 22.44 11.36
N ASP C 6 13.42 23.34 10.39
CA ASP C 6 12.60 23.15 9.20
C ASP C 6 13.18 22.07 8.30
N MET C 7 12.32 21.16 7.84
CA MET C 7 12.75 20.04 7.02
C MET C 7 12.20 20.12 5.60
N TYR C 8 11.52 21.23 5.29
CA TYR C 8 10.77 21.32 4.04
C TYR C 8 11.25 22.44 3.11
N ARG C 9 11.46 23.64 3.67
CA ARG C 9 11.83 24.78 2.85
C ARG C 9 13.30 24.78 2.47
N ALA C 10 13.63 25.48 1.40
CA ALA C 10 15.01 25.61 0.95
C ALA C 10 15.81 26.43 1.95
N ALA C 11 17.12 26.23 1.97
CA ALA C 11 18.01 26.89 2.92
C ALA C 11 17.93 28.41 2.88
N ASP C 12 17.81 28.96 1.67
CA ASP C 12 17.75 30.41 1.50
C ASP C 12 16.44 31.00 2.00
N GLU C 13 15.33 30.30 1.76
CA GLU C 13 14.03 30.74 2.24
C GLU C 13 13.95 30.70 3.77
N ILE C 14 14.67 29.75 4.36
CA ILE C 14 14.78 29.68 5.81
C ILE C 14 15.72 30.78 6.30
N GLU C 15 16.71 31.13 5.49
CA GLU C 15 17.67 32.17 5.83
C GLU C 15 17.04 33.56 5.75
N LYS C 16 15.95 33.68 5.00
CA LYS C 16 15.23 34.95 4.88
C LYS C 16 14.51 35.29 6.19
N GLU C 17 14.24 34.26 6.98
CA GLU C 17 13.49 34.42 8.22
C GLU C 17 14.40 34.37 9.44
N GLU D 5 -20.24 -0.22 -21.82
CA GLU D 5 -21.11 0.35 -20.78
C GLU D 5 -20.31 1.29 -19.88
N ASP D 6 -20.75 2.54 -19.80
CA ASP D 6 -20.03 3.57 -19.06
C ASP D 6 -20.08 3.33 -17.55
N MET D 7 -18.91 3.20 -16.94
CA MET D 7 -18.81 2.92 -15.51
C MET D 7 -18.41 4.16 -14.72
N TYR D 8 -18.27 5.29 -15.40
CA TYR D 8 -17.66 6.46 -14.79
C TYR D 8 -18.57 7.69 -14.68
N ARG D 9 -19.30 7.99 -15.74
CA ARG D 9 -20.08 9.24 -15.81
C ARG D 9 -21.43 9.13 -15.12
N ALA D 10 -22.01 10.29 -14.81
CA ALA D 10 -23.32 10.37 -14.18
C ALA D 10 -24.40 9.81 -15.11
N ALA D 11 -25.49 9.32 -14.53
CA ALA D 11 -26.56 8.69 -15.29
C ALA D 11 -27.17 9.64 -16.32
N ASP D 12 -27.29 10.91 -15.95
CA ASP D 12 -27.91 11.91 -16.82
C ASP D 12 -27.06 12.17 -18.07
N GLU D 13 -25.75 12.29 -17.89
CA GLU D 13 -24.85 12.55 -19.02
C GLU D 13 -24.80 11.37 -19.98
N ILE D 14 -24.90 10.16 -19.44
CA ILE D 14 -24.87 8.95 -20.26
C ILE D 14 -26.10 8.85 -21.16
N GLU D 15 -27.28 9.07 -20.60
CA GLU D 15 -28.52 8.95 -21.35
C GLU D 15 -28.69 10.07 -22.37
N LYS D 16 -28.06 11.22 -22.10
CA LYS D 16 -28.14 12.35 -23.03
C LYS D 16 -27.37 12.07 -24.32
N GLU D 17 -26.36 11.21 -24.23
CA GLU D 17 -25.60 10.82 -25.41
C GLU D 17 -26.30 9.70 -26.18
N LYS D 18 -27.10 8.91 -25.47
CA LYS D 18 -27.84 7.81 -26.09
C LYS D 18 -28.90 8.33 -27.06
N GLU D 19 -29.42 9.52 -26.77
CA GLU D 19 -30.45 10.13 -27.60
C GLU D 19 -29.91 11.30 -28.40
CL CL E . 10.23 3.61 17.08
CL CL F . -8.74 -13.66 -12.69
CL CL G . -16.99 -7.43 13.24
#